data_7C7I
#
_entry.id   7C7I
#
_cell.length_a   48.502
_cell.length_b   55.619
_cell.length_c   189.884
_cell.angle_alpha   90.000
_cell.angle_beta   90.000
_cell.angle_gamma   90.000
#
_symmetry.space_group_name_H-M   'P 21 21 21'
#
loop_
_entity.id
_entity.type
_entity.pdbx_description
1 polymer 'Ras-related protein Rap-1b'
2 polymer 'SH3 and multiple ankyrin repeat domains protein 3'
3 non-polymer "GUANOSINE-5'-TRIPHOSPHATE"
4 non-polymer 'CALCIUM ION'
5 non-polymer 'MAGNESIUM ION'
6 water water
#
loop_
_entity_poly.entity_id
_entity_poly.type
_entity_poly.pdbx_seq_one_letter_code
_entity_poly.pdbx_strand_id
1 'polypeptide(L)'
;MREYKLVVLGSGGVGKSALTVQFVQGIFVDEYDPTIEDSYRKQVEVDAQQCMLEILDTAGTEQFTAMRDLYMKNGQGFAL
VYSITAQSTFNDLQDLREQILRVKDTDDVPMILVGNKCDLEDERVVGKEQGQNLARQWNNCAFLESSAKSKINVNEIFYD
LVRQINR
;
A,B
2 'polypeptide(L)'
;MDGPGASAVVVRVGIPDLQQTKCLRLDPAAPVWAAKQRVLCALNHSLQDALNYGLFQPPSRGRAGKFLDEERLLQEYPPN
LDTPLPYLEFRYKRRVYAQ
;
C,D
#
loop_
_chem_comp.id
_chem_comp.type
_chem_comp.name
_chem_comp.formula
CA non-polymer 'CALCIUM ION' 'Ca 2'
GTP non-polymer GUANOSINE-5'-TRIPHOSPHATE 'C10 H16 N5 O14 P3'
MG non-polymer 'MAGNESIUM ION' 'Mg 2'
#
# COMPACT_ATOMS: atom_id res chain seq x y z
N MET A 1 4.11 -15.44 -11.22
CA MET A 1 2.82 -14.96 -10.73
C MET A 1 1.76 -16.07 -10.72
N ARG A 2 1.34 -16.48 -9.53
CA ARG A 2 0.41 -17.58 -9.38
C ARG A 2 -1.03 -17.07 -9.41
N GLU A 3 -1.94 -17.99 -9.73
CA GLU A 3 -3.38 -17.74 -9.79
C GLU A 3 -4.04 -18.31 -8.54
N TYR A 4 -5.02 -17.60 -8.01
CA TYR A 4 -5.79 -18.06 -6.85
C TYR A 4 -7.25 -18.07 -7.24
N LYS A 5 -7.86 -19.26 -7.20
CA LYS A 5 -9.28 -19.45 -7.51
C LYS A 5 -10.07 -19.34 -6.21
N LEU A 6 -10.71 -18.20 -6.00
CA LEU A 6 -11.47 -17.95 -4.77
C LEU A 6 -12.96 -18.01 -5.07
N VAL A 7 -13.73 -18.59 -4.13
CA VAL A 7 -15.17 -18.78 -4.28
C VAL A 7 -15.91 -18.13 -3.12
N VAL A 8 -16.88 -17.28 -3.43
CA VAL A 8 -17.73 -16.63 -2.44
C VAL A 8 -19.11 -17.31 -2.45
N LEU A 9 -19.51 -17.87 -1.31
CA LEU A 9 -20.71 -18.68 -1.15
C LEU A 9 -21.60 -18.09 -0.06
N GLY A 10 -22.88 -18.42 -0.13
CA GLY A 10 -23.85 -18.01 0.88
C GLY A 10 -25.24 -17.91 0.31
N SER A 11 -26.21 -17.84 1.21
CA SER A 11 -27.60 -17.69 0.79
C SER A 11 -27.83 -16.33 0.13
N GLY A 12 -28.99 -16.21 -0.51
CA GLY A 12 -29.27 -15.01 -1.27
C GLY A 12 -29.34 -13.79 -0.36
N GLY A 13 -28.77 -12.68 -0.83
CA GLY A 13 -28.94 -11.39 -0.20
C GLY A 13 -28.01 -11.08 0.96
N VAL A 14 -27.07 -11.98 1.27
CA VAL A 14 -26.13 -11.72 2.37
C VAL A 14 -25.04 -10.73 2.00
N GLY A 15 -24.81 -10.48 0.70
CA GLY A 15 -23.81 -9.51 0.32
C GLY A 15 -22.61 -10.13 -0.36
N LYS A 16 -22.81 -11.27 -0.99
CA LYS A 16 -21.72 -11.88 -1.75
C LYS A 16 -21.23 -10.96 -2.87
N SER A 17 -22.14 -10.33 -3.60
CA SER A 17 -21.74 -9.51 -4.74
C SER A 17 -21.14 -8.19 -4.28
N ALA A 18 -21.72 -7.61 -3.24
CA ALA A 18 -21.28 -6.31 -2.74
C ALA A 18 -19.85 -6.40 -2.21
N LEU A 19 -19.57 -7.43 -1.42
CA LEU A 19 -18.20 -7.68 -0.97
C LEU A 19 -17.25 -7.82 -2.15
N THR A 20 -17.62 -8.65 -3.12
CA THR A 20 -16.73 -8.89 -4.26
C THR A 20 -16.45 -7.59 -5.00
N VAL A 21 -17.52 -6.88 -5.40
CA VAL A 21 -17.36 -5.65 -6.16
C VAL A 21 -16.65 -4.59 -5.33
N GLN A 22 -16.94 -4.52 -4.03
CA GLN A 22 -16.23 -3.55 -3.19
C GLN A 22 -14.74 -3.84 -3.22
N PHE A 23 -14.37 -5.12 -3.13
CA PHE A 23 -12.96 -5.47 -3.17
C PHE A 23 -12.37 -5.25 -4.55
N VAL A 24 -13.09 -5.60 -5.60
CA VAL A 24 -12.55 -5.53 -6.95
C VAL A 24 -12.56 -4.10 -7.48
N GLN A 25 -13.70 -3.42 -7.36
CA GLN A 25 -13.83 -2.09 -7.94
C GLN A 25 -13.80 -0.94 -6.93
N GLY A 26 -14.06 -1.19 -5.65
CA GLY A 26 -14.01 -0.11 -4.70
C GLY A 26 -15.25 0.73 -4.60
N ILE A 27 -16.41 0.21 -5.02
CA ILE A 27 -17.68 0.89 -4.90
C ILE A 27 -18.63 -0.03 -4.18
N PHE A 28 -19.67 0.55 -3.60
CA PHE A 28 -20.71 -0.20 -2.92
C PHE A 28 -21.92 -0.34 -3.83
N VAL A 29 -22.33 -1.58 -4.07
CA VAL A 29 -23.51 -1.86 -4.88
C VAL A 29 -24.72 -1.83 -3.96
N ASP A 30 -25.50 -0.75 -4.04
CA ASP A 30 -26.69 -0.61 -3.21
C ASP A 30 -27.85 -1.46 -3.74
N GLU A 31 -27.92 -1.66 -5.06
CA GLU A 31 -28.90 -2.53 -5.67
C GLU A 31 -28.77 -3.95 -5.14
N TYR A 32 -29.85 -4.71 -5.26
CA TYR A 32 -29.76 -6.16 -5.12
C TYR A 32 -30.15 -6.78 -6.47
N ASP A 33 -29.14 -7.20 -7.24
CA ASP A 33 -29.36 -7.87 -8.52
C ASP A 33 -29.07 -9.36 -8.35
N PRO A 34 -30.08 -10.24 -8.36
CA PRO A 34 -29.82 -11.67 -8.10
C PRO A 34 -28.80 -12.24 -9.08
N THR A 35 -27.78 -12.90 -8.53
CA THR A 35 -26.65 -13.41 -9.29
C THR A 35 -26.88 -14.84 -9.75
N ILE A 36 -26.50 -15.12 -11.00
CA ILE A 36 -26.41 -16.49 -11.49
C ILE A 36 -24.98 -17.00 -11.28
N GLU A 37 -24.03 -16.37 -11.96
CA GLU A 37 -22.61 -16.64 -11.71
C GLU A 37 -21.78 -15.53 -12.34
N ASP A 38 -20.99 -14.84 -11.54
CA ASP A 38 -20.09 -13.80 -12.03
C ASP A 38 -18.67 -14.14 -11.59
N SER A 39 -17.70 -13.83 -12.45
CA SER A 39 -16.30 -13.98 -12.11
C SER A 39 -15.56 -12.69 -12.40
N TYR A 40 -14.51 -12.46 -11.60
CA TYR A 40 -13.68 -11.26 -11.64
C TYR A 40 -12.23 -11.70 -11.50
N ARG A 41 -11.33 -11.05 -12.25
CA ARG A 41 -9.89 -11.25 -12.13
C ARG A 41 -9.24 -9.94 -11.71
N LYS A 42 -8.32 -9.99 -10.74
CA LYS A 42 -7.65 -8.79 -10.26
C LYS A 42 -6.25 -9.13 -9.77
N GLN A 43 -5.24 -8.40 -10.28
CA GLN A 43 -3.87 -8.59 -9.83
C GLN A 43 -3.67 -7.71 -8.59
N VAL A 44 -3.28 -8.34 -7.49
CA VAL A 44 -3.01 -7.64 -6.24
C VAL A 44 -1.67 -8.13 -5.71
N GLU A 45 -1.08 -7.34 -4.84
CA GLU A 45 0.11 -7.75 -4.13
C GLU A 45 -0.29 -8.29 -2.76
N VAL A 46 0.02 -9.56 -2.51
CA VAL A 46 -0.15 -10.19 -1.20
C VAL A 46 1.21 -10.66 -0.71
N ASP A 47 1.55 -10.27 0.52
CA ASP A 47 2.80 -10.67 1.17
C ASP A 47 3.98 -10.60 0.21
N ALA A 48 4.15 -9.41 -0.37
CA ALA A 48 5.27 -9.03 -1.23
C ALA A 48 5.25 -9.70 -2.59
N GLN A 49 4.24 -10.52 -2.90
CA GLN A 49 4.16 -11.24 -4.16
C GLN A 49 2.96 -10.77 -4.96
N GLN A 50 3.17 -10.56 -6.26
CA GLN A 50 2.05 -10.31 -7.16
C GLN A 50 1.22 -11.60 -7.29
N CYS A 51 -0.10 -11.45 -7.19
CA CYS A 51 -1.06 -12.55 -7.23
C CYS A 51 -2.19 -12.20 -8.19
N MET A 52 -2.64 -13.20 -8.95
CA MET A 52 -3.80 -13.05 -9.83
C MET A 52 -4.99 -13.72 -9.13
N LEU A 53 -5.87 -12.92 -8.55
CA LEU A 53 -7.05 -13.46 -7.91
C LEU A 53 -8.18 -13.58 -8.93
N GLU A 54 -8.74 -14.76 -9.04
CA GLU A 54 -9.97 -15.00 -9.80
C GLU A 54 -11.04 -15.30 -8.78
N ILE A 55 -12.01 -14.41 -8.65
CA ILE A 55 -13.04 -14.47 -7.62
C ILE A 55 -14.35 -14.88 -8.26
N LEU A 56 -14.91 -15.99 -7.79
CA LEU A 56 -16.18 -16.50 -8.29
C LEU A 56 -17.28 -16.21 -7.29
N ASP A 57 -18.29 -15.46 -7.74
CA ASP A 57 -19.39 -14.97 -6.94
C ASP A 57 -20.66 -15.69 -7.38
N THR A 58 -21.27 -16.46 -6.49
CA THR A 58 -22.16 -17.53 -6.91
C THR A 58 -23.61 -17.19 -6.67
N ALA A 59 -24.49 -18.10 -7.11
CA ALA A 59 -25.92 -17.95 -6.88
C ALA A 59 -26.25 -18.41 -5.47
N GLY A 60 -27.52 -18.25 -5.10
CA GLY A 60 -27.95 -18.65 -3.78
C GLY A 60 -27.68 -20.11 -3.51
N THR A 61 -27.81 -20.52 -2.26
CA THR A 61 -27.57 -21.91 -1.91
C THR A 61 -28.76 -22.76 -2.31
N GLN A 63 -29.48 -24.28 -5.82
CA GLN A 63 -29.93 -23.23 -6.73
C GLN A 63 -29.58 -23.54 -8.18
N PHE A 64 -28.34 -23.25 -8.57
CA PHE A 64 -27.81 -23.68 -9.86
C PHE A 64 -26.83 -24.81 -9.58
N THR A 65 -27.40 -25.99 -9.29
CA THR A 65 -26.63 -27.10 -8.72
C THR A 65 -25.51 -27.57 -9.64
N ALA A 66 -25.76 -27.63 -10.95
CA ALA A 66 -24.73 -28.09 -11.87
C ALA A 66 -23.45 -27.27 -11.75
N MET A 67 -23.59 -25.94 -11.78
CA MET A 67 -22.43 -25.07 -11.60
C MET A 67 -21.83 -25.22 -10.20
N ARG A 68 -22.67 -25.50 -9.19
CA ARG A 68 -22.20 -25.58 -7.81
C ARG A 68 -21.18 -26.70 -7.64
N ASP A 69 -21.41 -27.83 -8.30
CA ASP A 69 -20.46 -28.94 -8.17
C ASP A 69 -19.14 -28.60 -8.83
N LEU A 70 -19.18 -27.75 -9.86
CA LEU A 70 -17.99 -27.43 -10.63
C LEU A 70 -17.09 -26.47 -9.88
N TYR A 71 -17.67 -25.44 -9.25
CA TYR A 71 -16.83 -24.50 -8.55
C TYR A 71 -16.40 -25.01 -7.19
N MET A 72 -17.01 -26.08 -6.69
CA MET A 72 -16.50 -26.70 -5.48
C MET A 72 -15.29 -27.59 -5.78
N LYS A 73 -15.26 -28.24 -6.95
CA LYS A 73 -14.08 -29.03 -7.28
C LYS A 73 -12.92 -28.15 -7.73
N ASN A 74 -13.18 -27.01 -8.36
CA ASN A 74 -12.10 -26.19 -8.89
C ASN A 74 -11.66 -25.07 -7.94
N GLY A 75 -12.46 -24.73 -6.94
CA GLY A 75 -12.11 -23.63 -6.07
C GLY A 75 -10.98 -24.04 -5.12
N GLN A 76 -10.06 -23.10 -4.88
CA GLN A 76 -8.96 -23.29 -3.93
C GLN A 76 -9.26 -22.72 -2.56
N GLY A 77 -10.06 -21.67 -2.48
CA GLY A 77 -10.43 -21.10 -1.20
C GLY A 77 -11.86 -20.62 -1.23
N PHE A 78 -12.53 -20.73 -0.08
CA PHE A 78 -13.96 -20.52 0.01
C PHE A 78 -14.30 -19.53 1.12
N ALA A 79 -15.00 -18.47 0.80
CA ALA A 79 -15.56 -17.60 1.81
C ALA A 79 -17.04 -17.92 1.97
N LEU A 80 -17.43 -18.36 3.17
CA LEU A 80 -18.81 -18.71 3.48
C LEU A 80 -19.43 -17.51 4.19
N VAL A 81 -20.40 -16.88 3.54
CA VAL A 81 -20.90 -15.56 3.92
C VAL A 81 -22.32 -15.68 4.47
N TYR A 82 -22.57 -15.03 5.60
CA TYR A 82 -23.92 -14.88 6.12
C TYR A 82 -24.16 -13.40 6.42
N SER A 83 -25.42 -13.06 6.68
CA SER A 83 -25.78 -11.71 7.14
C SER A 83 -26.05 -11.73 8.64
N ILE A 84 -25.47 -10.78 9.38
CA ILE A 84 -25.75 -10.72 10.80
C ILE A 84 -27.19 -10.36 11.11
N THR A 85 -27.94 -9.85 10.13
CA THR A 85 -29.35 -9.50 10.28
C THR A 85 -30.30 -10.68 10.04
N ALA A 86 -29.80 -11.86 9.64
CA ALA A 86 -30.68 -12.94 9.22
C ALA A 86 -30.18 -14.28 9.76
N GLN A 87 -30.85 -14.79 10.79
CA GLN A 87 -30.40 -16.01 11.46
C GLN A 87 -30.39 -17.19 10.51
N SER A 88 -31.38 -17.27 9.62
CA SER A 88 -31.46 -18.40 8.70
C SER A 88 -30.25 -18.47 7.77
N THR A 89 -29.66 -17.32 7.41
CA THR A 89 -28.53 -17.37 6.50
C THR A 89 -27.28 -17.88 7.21
N PHE A 90 -27.22 -17.68 8.53
CA PHE A 90 -26.18 -18.29 9.35
C PHE A 90 -26.37 -19.81 9.44
N ASN A 91 -27.59 -20.25 9.76
CA ASN A 91 -27.87 -21.68 9.86
C ASN A 91 -27.60 -22.40 8.55
N ASP A 92 -27.70 -21.71 7.41
CA ASP A 92 -27.52 -22.33 6.11
C ASP A 92 -26.08 -22.73 5.82
N LEU A 93 -25.12 -22.23 6.59
CA LEU A 93 -23.72 -22.38 6.21
C LEU A 93 -23.16 -23.77 6.52
N GLN A 94 -23.59 -24.39 7.61
CA GLN A 94 -23.09 -25.71 7.97
C GLN A 94 -23.20 -26.70 6.82
N ASP A 95 -24.34 -26.72 6.13
CA ASP A 95 -24.51 -27.63 5.00
C ASP A 95 -23.48 -27.36 3.90
N LEU A 96 -23.29 -26.08 3.56
CA LEU A 96 -22.28 -25.71 2.58
C LEU A 96 -20.91 -26.25 2.95
N ARG A 97 -20.47 -25.93 4.17
CA ARG A 97 -19.13 -26.34 4.62
C ARG A 97 -18.96 -27.84 4.47
N GLU A 98 -20.04 -28.61 4.70
CA GLU A 98 -19.94 -30.05 4.61
C GLU A 98 -19.94 -30.52 3.16
N GLN A 99 -20.69 -29.84 2.31
CA GLN A 99 -20.64 -30.15 0.89
C GLN A 99 -19.24 -29.93 0.32
N ILE A 100 -18.60 -28.81 0.67
CA ILE A 100 -17.25 -28.53 0.17
C ILE A 100 -16.28 -29.63 0.58
N LEU A 101 -16.27 -29.97 1.88
CA LEU A 101 -15.35 -30.98 2.39
C LEU A 101 -15.59 -32.34 1.75
N ARG A 102 -16.86 -32.69 1.50
CA ARG A 102 -17.11 -33.99 0.85
C ARG A 102 -16.58 -34.02 -0.57
N VAL A 103 -16.63 -32.89 -1.29
CA VAL A 103 -16.12 -32.85 -2.65
C VAL A 103 -14.59 -32.83 -2.67
N LYS A 104 -13.96 -32.08 -1.77
CA LYS A 104 -12.51 -32.08 -1.67
C LYS A 104 -11.95 -33.34 -1.03
N ASP A 105 -12.80 -34.13 -0.37
CA ASP A 105 -12.43 -35.38 0.29
C ASP A 105 -11.36 -35.16 1.37
N THR A 106 -11.39 -34.00 2.02
CA THR A 106 -10.49 -33.69 3.13
C THR A 106 -11.05 -32.50 3.89
N ASP A 107 -10.64 -32.36 5.14
CA ASP A 107 -11.03 -31.19 5.93
C ASP A 107 -10.04 -30.04 5.82
N ASP A 108 -8.92 -30.23 5.12
CA ASP A 108 -7.87 -29.21 5.03
C ASP A 108 -8.15 -28.32 3.83
N VAL A 109 -9.12 -27.43 3.99
CA VAL A 109 -9.63 -26.65 2.87
C VAL A 109 -9.58 -25.17 3.24
N PRO A 110 -8.77 -24.36 2.54
CA PRO A 110 -8.76 -22.92 2.81
C PRO A 110 -10.17 -22.36 2.86
N MET A 111 -10.48 -21.65 3.94
CA MET A 111 -11.86 -21.25 4.19
C MET A 111 -11.89 -20.11 5.17
N ILE A 112 -12.90 -19.25 5.04
CA ILE A 112 -13.10 -18.14 5.97
C ILE A 112 -14.60 -17.97 6.18
N LEU A 113 -15.00 -17.76 7.43
CA LEU A 113 -16.39 -17.50 7.79
C LEU A 113 -16.60 -16.00 7.93
N VAL A 114 -17.63 -15.47 7.28
CA VAL A 114 -17.78 -14.03 7.15
C VAL A 114 -19.18 -13.64 7.60
N GLY A 115 -19.26 -12.84 8.66
CA GLY A 115 -20.51 -12.19 8.99
C GLY A 115 -20.58 -10.81 8.39
N ASN A 116 -21.35 -10.65 7.32
CA ASN A 116 -21.42 -9.38 6.63
C ASN A 116 -22.54 -8.49 7.19
N LYS A 117 -22.53 -7.22 6.77
CA LYS A 117 -23.47 -6.16 7.14
C LYS A 117 -23.29 -5.71 8.59
N CYS A 118 -22.03 -5.71 9.06
CA CYS A 118 -21.81 -5.39 10.46
C CYS A 118 -22.08 -3.92 10.76
N ASP A 119 -22.18 -3.08 9.73
CA ASP A 119 -22.63 -1.70 9.94
C ASP A 119 -24.07 -1.61 10.44
N LEU A 120 -24.87 -2.68 10.29
CA LEU A 120 -26.30 -2.61 10.64
C LEU A 120 -26.52 -3.09 12.08
N GLU A 121 -25.84 -2.43 13.01
CA GLU A 121 -25.94 -2.82 14.42
C GLU A 121 -27.37 -2.81 14.91
N ASP A 122 -28.20 -1.87 14.44
CA ASP A 122 -29.60 -1.82 14.89
C ASP A 122 -30.43 -2.99 14.38
N GLU A 123 -29.90 -3.83 13.49
CA GLU A 123 -30.66 -4.97 12.99
C GLU A 123 -29.99 -6.30 13.28
N ARG A 124 -28.88 -6.29 14.03
CA ARG A 124 -28.16 -7.52 14.32
C ARG A 124 -29.02 -8.54 15.07
N VAL A 125 -29.06 -9.78 14.58
CA VAL A 125 -29.69 -10.85 15.33
C VAL A 125 -28.64 -11.89 15.67
N VAL A 126 -27.61 -12.00 14.85
CA VAL A 126 -26.53 -12.97 15.06
C VAL A 126 -25.38 -12.30 15.82
N GLY A 127 -25.17 -12.71 17.07
CA GLY A 127 -24.05 -12.18 17.82
C GLY A 127 -22.73 -12.60 17.23
N LYS A 128 -21.72 -11.74 17.41
CA LYS A 128 -20.36 -12.04 16.98
C LYS A 128 -19.88 -13.36 17.56
N GLU A 129 -20.31 -13.70 18.76
CA GLU A 129 -19.81 -14.90 19.41
C GLU A 129 -20.44 -16.16 18.82
N GLN A 130 -21.63 -16.04 18.23
CA GLN A 130 -22.14 -17.17 17.46
C GLN A 130 -21.18 -17.52 16.35
N GLY A 131 -20.78 -16.52 15.57
CA GLY A 131 -19.86 -16.79 14.47
C GLY A 131 -18.50 -17.28 14.96
N GLN A 132 -18.02 -16.74 16.07
CA GLN A 132 -16.76 -17.21 16.65
C GLN A 132 -16.86 -18.67 17.07
N ASN A 133 -17.95 -19.05 17.72
CA ASN A 133 -18.13 -20.44 18.14
C ASN A 133 -18.25 -21.37 16.94
N LEU A 134 -19.03 -20.99 15.93
CA LEU A 134 -19.10 -21.80 14.72
C LEU A 134 -17.71 -22.01 14.13
N ALA A 135 -16.99 -20.92 13.89
CA ALA A 135 -15.66 -21.04 13.30
C ALA A 135 -14.76 -21.96 14.12
N ARG A 136 -14.82 -21.84 15.45
CA ARG A 136 -14.08 -22.75 16.30
C ARG A 136 -14.43 -24.21 16.00
N GLN A 137 -15.72 -24.51 15.85
CA GLN A 137 -16.13 -25.88 15.53
C GLN A 137 -15.59 -26.33 14.17
N TRP A 138 -15.47 -25.40 13.23
CA TRP A 138 -14.89 -25.70 11.93
C TRP A 138 -13.36 -25.76 12.01
N ASN A 139 -12.83 -26.52 12.98
CA ASN A 139 -11.39 -26.74 13.14
C ASN A 139 -10.62 -25.42 13.22
N ASN A 140 -11.13 -24.50 14.04
CA ASN A 140 -10.54 -23.18 14.22
C ASN A 140 -10.39 -22.47 12.88
N CYS A 141 -11.51 -22.39 12.17
CA CYS A 141 -11.62 -21.68 10.91
C CYS A 141 -11.40 -20.18 11.11
N ALA A 142 -10.83 -19.53 10.09
CA ALA A 142 -10.73 -18.08 10.08
C ALA A 142 -12.12 -17.46 10.09
N PHE A 143 -12.26 -16.32 10.80
CA PHE A 143 -13.57 -15.71 11.02
C PHE A 143 -13.47 -14.18 10.97
N LEU A 144 -14.41 -13.54 10.28
CA LEU A 144 -14.44 -12.09 10.23
C LEU A 144 -15.88 -11.58 10.19
N GLU A 145 -16.09 -10.42 10.82
CA GLU A 145 -17.30 -9.62 10.60
C GLU A 145 -16.95 -8.49 9.65
N SER A 146 -17.76 -8.30 8.62
CA SER A 146 -17.39 -7.40 7.55
C SER A 146 -18.54 -6.44 7.25
N SER A 147 -18.24 -5.39 6.48
CA SER A 147 -19.28 -4.53 5.93
C SER A 147 -18.86 -4.13 4.52
N ALA A 148 -19.56 -4.66 3.52
CA ALA A 148 -19.32 -4.20 2.16
C ALA A 148 -19.73 -2.73 1.99
N LYS A 149 -20.72 -2.28 2.76
CA LYS A 149 -21.16 -0.88 2.71
C LYS A 149 -20.12 0.08 3.29
N SER A 150 -19.46 -0.30 4.39
CA SER A 150 -18.50 0.58 5.01
C SER A 150 -17.07 0.29 4.58
N LYS A 151 -16.88 -0.74 3.72
CA LYS A 151 -15.56 -1.22 3.30
C LYS A 151 -14.72 -1.61 4.50
N ILE A 152 -15.32 -2.39 5.40
CA ILE A 152 -14.67 -2.83 6.64
C ILE A 152 -14.41 -4.32 6.50
N ASN A 153 -13.13 -4.70 6.54
CA ASN A 153 -12.76 -6.13 6.51
C ASN A 153 -13.13 -6.81 5.19
N VAL A 154 -13.01 -6.08 4.08
CA VAL A 154 -13.35 -6.67 2.79
C VAL A 154 -12.09 -7.29 2.18
N ASN A 155 -11.06 -6.49 1.90
CA ASN A 155 -9.84 -7.08 1.37
C ASN A 155 -9.27 -8.12 2.34
N GLU A 156 -9.51 -7.95 3.64
CA GLU A 156 -9.00 -8.89 4.62
C GLU A 156 -9.54 -10.29 4.39
N ILE A 157 -10.75 -10.40 3.81
CA ILE A 157 -11.33 -11.70 3.50
C ILE A 157 -10.49 -12.43 2.46
N PHE A 158 -10.26 -11.77 1.32
CA PHE A 158 -9.61 -12.43 0.20
C PHE A 158 -8.10 -12.59 0.44
N TYR A 159 -7.47 -11.64 1.12
CA TYR A 159 -6.05 -11.79 1.39
C TYR A 159 -5.81 -12.95 2.36
N ASP A 160 -6.73 -13.19 3.30
CA ASP A 160 -6.55 -14.30 4.21
C ASP A 160 -6.67 -15.64 3.49
N LEU A 161 -7.60 -15.74 2.54
CA LEU A 161 -7.67 -16.96 1.72
C LEU A 161 -6.35 -17.20 1.00
N VAL A 162 -5.78 -16.15 0.42
CA VAL A 162 -4.51 -16.30 -0.28
C VAL A 162 -3.44 -16.84 0.67
N ARG A 163 -3.37 -16.28 1.88
CA ARG A 163 -2.33 -16.75 2.79
C ARG A 163 -2.57 -18.21 3.15
N GLN A 164 -3.84 -18.61 3.31
CA GLN A 164 -4.13 -20.01 3.61
C GLN A 164 -3.68 -20.92 2.48
N ILE A 165 -3.91 -20.50 1.23
CA ILE A 165 -3.50 -21.33 0.10
C ILE A 165 -1.97 -21.45 0.02
N ASN A 166 -1.23 -20.37 0.35
CA ASN A 166 0.23 -20.46 0.30
C ASN A 166 0.79 -21.39 1.37
N ARG A 167 0.02 -21.69 2.43
CA ARG A 167 0.48 -22.59 3.49
C ARG A 167 0.38 -24.06 3.08
N MET B 1 -17.53 17.66 -5.36
CA MET B 1 -16.76 16.64 -4.65
C MET B 1 -15.91 17.26 -3.56
N ARG B 2 -16.11 16.79 -2.34
CA ARG B 2 -15.49 17.41 -1.18
C ARG B 2 -14.05 16.91 -1.02
N GLU B 3 -13.22 17.73 -0.38
CA GLU B 3 -11.82 17.37 -0.13
C GLU B 3 -11.58 17.18 1.36
N TYR B 4 -10.76 16.18 1.71
CA TYR B 4 -10.45 15.88 3.10
C TYR B 4 -8.93 15.88 3.27
N LYS B 5 -8.43 16.75 4.15
CA LYS B 5 -7.01 16.86 4.43
C LYS B 5 -6.67 16.02 5.67
N LEU B 6 -6.10 14.84 5.45
CA LEU B 6 -5.74 13.93 6.52
C LEU B 6 -4.23 13.96 6.76
N VAL B 7 -3.84 13.77 8.02
CA VAL B 7 -2.46 13.87 8.44
C VAL B 7 -2.09 12.64 9.24
N VAL B 8 -1.01 11.97 8.84
CA VAL B 8 -0.48 10.82 9.55
C VAL B 8 0.75 11.26 10.35
N LEU B 9 0.69 11.08 11.67
CA LEU B 9 1.76 11.49 12.57
C LEU B 9 2.14 10.37 13.52
N GLY B 10 3.34 10.46 14.05
CA GLY B 10 3.90 9.48 14.95
C GLY B 10 5.41 9.52 14.90
N SER B 11 6.04 8.80 15.83
CA SER B 11 7.48 8.77 15.88
C SER B 11 8.03 7.92 14.73
N GLY B 12 9.35 8.02 14.54
CA GLY B 12 9.97 7.45 13.36
C GLY B 12 9.91 5.92 13.39
N GLY B 13 9.70 5.34 12.22
CA GLY B 13 9.77 3.91 12.09
C GLY B 13 8.52 3.15 12.45
N VAL B 14 7.40 3.83 12.76
CA VAL B 14 6.20 3.13 13.19
C VAL B 14 5.36 2.59 12.04
N GLY B 15 5.58 3.09 10.81
CA GLY B 15 4.78 2.65 9.67
C GLY B 15 3.91 3.71 9.00
N LYS B 16 4.14 4.98 9.31
CA LYS B 16 3.36 6.06 8.69
C LYS B 16 3.37 5.97 7.16
N SER B 17 4.55 5.86 6.56
CA SER B 17 4.67 5.81 5.12
C SER B 17 4.10 4.53 4.55
N ALA B 18 4.37 3.39 5.20
CA ALA B 18 3.91 2.11 4.66
C ALA B 18 2.40 2.02 4.71
N LEU B 19 1.78 2.55 5.76
CA LEU B 19 0.33 2.59 5.82
C LEU B 19 -0.22 3.44 4.69
N THR B 20 0.43 4.58 4.43
CA THR B 20 -0.05 5.49 3.40
C THR B 20 0.12 4.90 2.01
N VAL B 21 1.31 4.36 1.72
CA VAL B 21 1.56 3.78 0.41
C VAL B 21 0.72 2.53 0.20
N GLN B 22 0.52 1.74 1.26
CA GLN B 22 -0.37 0.59 1.16
C GLN B 22 -1.77 1.03 0.73
N PHE B 23 -2.31 2.05 1.39
CA PHE B 23 -3.66 2.52 1.08
C PHE B 23 -3.74 3.14 -0.32
N VAL B 24 -2.77 4.01 -0.66
CA VAL B 24 -2.85 4.76 -1.91
C VAL B 24 -2.46 3.89 -3.11
N GLN B 25 -1.44 3.05 -2.95
CA GLN B 25 -0.86 2.32 -4.07
C GLN B 25 -1.07 0.81 -4.03
N GLY B 26 -1.42 0.24 -2.88
CA GLY B 26 -1.62 -1.19 -2.76
C GLY B 26 -0.35 -2.03 -2.77
N ILE B 27 0.78 -1.46 -2.40
CA ILE B 27 2.02 -2.21 -2.28
C ILE B 27 2.57 -1.96 -0.89
N PHE B 28 3.34 -2.92 -0.38
CA PHE B 28 4.00 -2.79 0.90
C PHE B 28 5.45 -2.33 0.70
N VAL B 29 5.79 -1.23 1.37
CA VAL B 29 7.16 -0.70 1.33
C VAL B 29 7.98 -1.39 2.42
N ASP B 30 8.85 -2.32 2.02
CA ASP B 30 9.68 -3.03 2.98
C ASP B 30 10.85 -2.19 3.50
N GLU B 31 11.20 -1.12 2.79
CA GLU B 31 12.33 -0.29 3.15
C GLU B 31 11.89 0.75 4.17
N TYR B 32 12.86 1.28 4.90
CA TYR B 32 12.66 2.40 5.80
C TYR B 32 13.46 3.56 5.23
N ASP B 33 12.78 4.48 4.54
CA ASP B 33 13.40 5.70 4.06
C ASP B 33 12.83 6.86 4.86
N PRO B 34 13.60 7.49 5.74
CA PRO B 34 13.08 8.55 6.62
C PRO B 34 12.46 9.71 5.85
N THR B 35 11.21 10.00 6.17
CA THR B 35 10.42 10.99 5.48
C THR B 35 10.67 12.38 6.06
N ILE B 36 10.71 13.37 5.17
CA ILE B 36 10.61 14.76 5.59
C ILE B 36 9.17 15.24 5.51
N GLU B 37 8.56 15.12 4.34
CA GLU B 37 7.14 15.39 4.16
C GLU B 37 6.66 14.92 2.79
N ASP B 38 5.74 13.96 2.77
CA ASP B 38 5.20 13.39 1.54
C ASP B 38 3.71 13.64 1.48
N SER B 39 3.20 13.98 0.29
CA SER B 39 1.77 14.16 0.10
C SER B 39 1.27 13.29 -1.03
N TYR B 40 0.03 12.82 -0.86
CA TYR B 40 -0.68 11.93 -1.77
C TYR B 40 -2.11 12.42 -1.91
N ARG B 41 -2.65 12.43 -3.13
CA ARG B 41 -4.08 12.65 -3.34
C ARG B 41 -4.70 11.42 -3.96
N LYS B 42 -5.90 11.07 -3.50
CA LYS B 42 -6.59 9.88 -3.99
C LYS B 42 -8.09 10.07 -3.86
N GLN B 43 -8.80 9.80 -4.96
CA GLN B 43 -10.25 9.82 -5.00
C GLN B 43 -10.78 8.42 -4.69
N VAL B 44 -11.64 8.32 -3.68
CA VAL B 44 -12.26 7.06 -3.32
C VAL B 44 -13.75 7.30 -3.14
N GLU B 45 -14.49 6.21 -2.95
CA GLU B 45 -15.90 6.29 -2.62
C GLU B 45 -16.05 5.96 -1.15
N VAL B 46 -16.64 6.89 -0.38
CA VAL B 46 -16.87 6.71 1.04
C VAL B 46 -18.34 7.00 1.32
N ASP B 47 -19.04 6.06 1.94
CA ASP B 47 -20.47 6.17 2.22
C ASP B 47 -21.22 6.70 1.00
N ALA B 48 -20.89 6.13 -0.16
CA ALA B 48 -21.52 6.39 -1.45
C ALA B 48 -21.30 7.82 -1.95
N GLN B 49 -20.34 8.56 -1.42
CA GLN B 49 -19.92 9.82 -2.02
C GLN B 49 -18.50 9.72 -2.53
N GLN B 50 -18.27 10.24 -3.73
CA GLN B 50 -16.90 10.44 -4.19
C GLN B 50 -16.20 11.51 -3.34
N CYS B 51 -15.02 11.18 -2.84
CA CYS B 51 -14.24 11.98 -1.90
C CYS B 51 -12.83 12.13 -2.43
N MET B 52 -12.28 13.35 -2.32
CA MET B 52 -10.87 13.58 -2.63
C MET B 52 -10.10 13.64 -1.33
N LEU B 53 -9.29 12.62 -1.07
CA LEU B 53 -8.47 12.56 0.13
C LEU B 53 -7.08 13.11 -0.17
N GLU B 54 -6.60 14.01 0.69
CA GLU B 54 -5.25 14.56 0.65
C GLU B 54 -4.54 14.07 1.90
N ILE B 55 -3.59 13.15 1.74
CA ILE B 55 -2.91 12.52 2.86
C ILE B 55 -1.52 13.11 2.98
N LEU B 56 -1.24 13.71 4.13
CA LEU B 56 0.09 14.21 4.42
C LEU B 56 0.80 13.22 5.34
N ASP B 57 1.90 12.67 4.86
CA ASP B 57 2.70 11.71 5.61
C ASP B 57 3.94 12.46 6.11
N THR B 58 4.10 12.53 7.43
CA THR B 58 4.96 13.52 8.06
C THR B 58 6.21 12.85 8.63
N ALA B 59 7.08 13.68 9.19
CA ALA B 59 8.35 13.22 9.72
C ALA B 59 8.24 12.78 11.18
N GLY B 60 9.33 12.21 11.69
CA GLY B 60 9.41 11.82 13.08
C GLY B 60 10.08 12.91 13.92
N THR B 61 9.49 13.17 15.08
CA THR B 61 9.96 14.21 15.99
C THR B 61 11.37 13.96 16.51
N GLN B 63 12.05 16.46 14.91
CA GLN B 63 12.44 16.96 13.61
C GLN B 63 11.31 17.72 12.93
N PHE B 64 11.65 18.89 12.38
CA PHE B 64 10.75 19.74 11.61
C PHE B 64 9.58 20.21 12.49
N THR B 65 9.92 21.14 13.39
CA THR B 65 8.96 21.69 14.34
C THR B 65 8.21 22.91 13.80
N ALA B 66 8.83 23.68 12.91
CA ALA B 66 8.10 24.76 12.25
C ALA B 66 7.12 24.19 11.23
N MET B 67 7.55 23.18 10.46
CA MET B 67 6.65 22.51 9.53
C MET B 67 5.46 21.90 10.24
N ARG B 68 5.65 21.44 11.47
CA ARG B 68 4.59 20.73 12.17
C ARG B 68 3.37 21.62 12.39
N ASP B 69 3.61 22.89 12.73
CA ASP B 69 2.49 23.75 13.05
C ASP B 69 1.63 24.06 11.84
N LEU B 70 2.23 24.11 10.65
CA LEU B 70 1.42 24.36 9.47
C LEU B 70 0.60 23.14 9.07
N TYR B 71 1.12 21.92 9.28
CA TYR B 71 0.22 20.83 8.96
C TYR B 71 -0.74 20.52 10.10
N MET B 72 -0.50 21.03 11.30
CA MET B 72 -1.50 20.86 12.34
C MET B 72 -2.64 21.88 12.19
N LYS B 73 -2.32 23.11 11.81
CA LYS B 73 -3.40 24.07 11.55
C LYS B 73 -4.28 23.63 10.39
N ASN B 74 -3.69 23.05 9.35
CA ASN B 74 -4.42 22.81 8.11
C ASN B 74 -5.08 21.44 8.04
N GLY B 75 -4.61 20.45 8.80
CA GLY B 75 -5.23 19.13 8.73
C GLY B 75 -6.65 19.15 9.28
N GLN B 76 -7.53 18.40 8.62
CA GLN B 76 -8.88 18.21 9.14
C GLN B 76 -9.02 16.96 10.03
N GLY B 77 -8.22 15.92 9.80
CA GLY B 77 -8.28 14.71 10.61
C GLY B 77 -6.90 14.13 10.79
N PHE B 78 -6.71 13.44 11.92
CA PHE B 78 -5.37 13.02 12.29
C PHE B 78 -5.35 11.54 12.66
N ALA B 79 -4.39 10.81 12.08
CA ALA B 79 -4.06 9.45 12.49
C ALA B 79 -2.81 9.47 13.37
N LEU B 80 -2.96 9.05 14.61
CA LEU B 80 -1.85 8.98 15.55
C LEU B 80 -1.39 7.53 15.63
N VAL B 81 -0.19 7.28 15.12
CA VAL B 81 0.31 5.94 14.84
C VAL B 81 1.48 5.64 15.76
N TYR B 82 1.41 4.50 16.44
CA TYR B 82 2.56 3.91 17.13
C TYR B 82 2.78 2.49 16.62
N SER B 83 3.87 1.87 17.07
CA SER B 83 4.17 0.48 16.73
C SER B 83 4.01 -0.38 17.98
N ILE B 84 3.27 -1.48 17.86
CA ILE B 84 3.05 -2.32 19.03
C ILE B 84 4.35 -2.95 19.52
N THR B 85 5.46 -2.81 18.78
CA THR B 85 6.74 -3.39 19.19
C THR B 85 7.70 -2.39 19.84
N ALA B 86 7.34 -1.12 19.95
CA ALA B 86 8.23 -0.12 20.57
C ALA B 86 7.43 0.74 21.56
N GLN B 87 7.66 0.52 22.85
CA GLN B 87 6.96 1.28 23.89
C GLN B 87 7.19 2.78 23.73
N SER B 88 8.40 3.16 23.32
CA SER B 88 8.74 4.58 23.27
C SER B 88 7.83 5.32 22.29
N THR B 89 7.52 4.69 21.14
CA THR B 89 6.66 5.32 20.15
C THR B 89 5.22 5.47 20.63
N PHE B 90 4.78 4.65 21.58
CA PHE B 90 3.45 4.82 22.17
C PHE B 90 3.43 5.98 23.16
N ASN B 91 4.47 6.10 23.99
CA ASN B 91 4.56 7.22 24.94
C ASN B 91 4.66 8.57 24.24
N ASP B 92 5.24 8.60 23.03
CA ASP B 92 5.37 9.87 22.33
C ASP B 92 4.03 10.41 21.85
N LEU B 93 2.99 9.58 21.83
CA LEU B 93 1.76 10.03 21.19
C LEU B 93 1.01 11.05 22.03
N GLN B 94 1.26 11.08 23.35
CA GLN B 94 0.52 11.98 24.21
C GLN B 94 0.87 13.44 23.93
N ASP B 95 2.16 13.76 23.90
CA ASP B 95 2.55 15.14 23.62
C ASP B 95 2.20 15.54 22.18
N LEU B 96 2.00 14.55 21.30
CA LEU B 96 1.56 14.85 19.95
C LEU B 96 0.09 15.26 19.90
N ARG B 97 -0.78 14.55 20.65
CA ARG B 97 -2.19 14.94 20.66
C ARG B 97 -2.38 16.28 21.35
N GLU B 98 -1.67 16.53 22.46
CA GLU B 98 -1.80 17.82 23.13
C GLU B 98 -1.44 18.95 22.18
N GLN B 99 -0.45 18.74 21.29
CA GLN B 99 -0.10 19.82 20.38
C GLN B 99 -1.18 20.08 19.33
N ILE B 100 -1.90 19.03 18.91
CA ILE B 100 -3.02 19.24 18.00
C ILE B 100 -4.11 20.04 18.69
N LEU B 101 -4.33 19.78 19.98
CA LEU B 101 -5.43 20.46 20.67
C LEU B 101 -5.07 21.91 20.94
N ARG B 102 -3.81 22.20 21.27
CA ARG B 102 -3.42 23.58 21.45
C ARG B 102 -3.58 24.37 20.16
N VAL B 103 -3.05 23.83 19.05
CA VAL B 103 -3.03 24.56 17.78
C VAL B 103 -4.45 24.86 17.29
N LYS B 104 -5.38 23.93 17.47
CA LYS B 104 -6.74 24.05 16.96
C LYS B 104 -7.72 24.59 18.00
N ASP B 105 -7.29 24.80 19.24
CA ASP B 105 -8.07 25.47 20.29
C ASP B 105 -9.26 24.65 20.79
N THR B 106 -9.51 23.45 20.25
CA THR B 106 -10.60 22.62 20.75
C THR B 106 -10.16 21.17 20.77
N ASP B 107 -10.94 20.36 21.49
CA ASP B 107 -10.67 18.93 21.57
C ASP B 107 -11.59 18.10 20.69
N ASP B 108 -12.53 18.74 19.99
CA ASP B 108 -13.36 18.02 19.02
C ASP B 108 -12.63 18.04 17.68
N VAL B 109 -11.60 17.21 17.60
CA VAL B 109 -10.79 17.08 16.39
C VAL B 109 -10.89 15.65 15.92
N PRO B 110 -11.35 15.41 14.67
CA PRO B 110 -11.36 14.05 14.12
C PRO B 110 -10.00 13.37 14.26
N MET B 111 -9.96 12.24 14.95
CA MET B 111 -8.70 11.63 15.33
C MET B 111 -8.88 10.11 15.41
N ILE B 112 -7.83 9.38 15.06
CA ILE B 112 -7.82 7.94 15.26
C ILE B 112 -6.44 7.55 15.78
N LEU B 113 -6.42 6.69 16.79
CA LEU B 113 -5.19 6.13 17.34
C LEU B 113 -4.95 4.77 16.69
N VAL B 114 -3.71 4.54 16.24
CA VAL B 114 -3.39 3.39 15.40
C VAL B 114 -2.19 2.67 15.99
N GLY B 115 -2.38 1.44 16.45
CA GLY B 115 -1.24 0.58 16.75
C GLY B 115 -0.85 -0.27 15.57
N ASN B 116 0.26 0.06 14.91
CA ASN B 116 0.62 -0.62 13.67
C ASN B 116 1.56 -1.79 13.94
N LYS B 117 1.76 -2.64 12.92
CA LYS B 117 2.61 -3.83 12.98
C LYS B 117 1.96 -4.93 13.82
N CYS B 118 0.64 -5.03 13.73
CA CYS B 118 -0.05 -6.08 14.48
C CYS B 118 0.22 -7.47 13.90
N ASP B 119 0.90 -7.57 12.74
CA ASP B 119 1.39 -8.86 12.28
C ASP B 119 2.57 -9.38 13.07
N LEU B 120 3.24 -8.53 13.86
CA LEU B 120 4.42 -8.94 14.64
C LEU B 120 4.01 -9.31 16.07
N GLU B 121 3.17 -10.34 16.20
CA GLU B 121 2.67 -10.71 17.53
C GLU B 121 3.82 -11.11 18.46
N ASP B 122 4.80 -11.86 17.95
CA ASP B 122 5.86 -12.37 18.81
C ASP B 122 6.67 -11.23 19.45
N GLU B 123 6.69 -10.05 18.82
CA GLU B 123 7.46 -8.91 19.28
C GLU B 123 6.60 -7.87 19.97
N ARG B 124 5.35 -8.20 20.33
CA ARG B 124 4.44 -7.22 20.90
C ARG B 124 4.92 -6.78 22.28
N VAL B 125 4.88 -5.47 22.50
CA VAL B 125 5.33 -4.89 23.75
C VAL B 125 4.20 -4.05 24.33
N VAL B 126 3.42 -3.45 23.44
CA VAL B 126 2.27 -2.63 23.81
C VAL B 126 1.03 -3.49 23.68
N GLY B 127 0.42 -3.86 24.79
CA GLY B 127 -0.78 -4.67 24.74
C GLY B 127 -1.93 -3.89 24.14
N LYS B 128 -2.84 -4.63 23.49
CA LYS B 128 -4.01 -4.01 22.88
C LYS B 128 -4.80 -3.17 23.89
N GLU B 129 -4.94 -3.67 25.12
CA GLU B 129 -5.70 -2.93 26.13
C GLU B 129 -5.03 -1.58 26.46
N GLN B 130 -3.71 -1.50 26.39
CA GLN B 130 -3.05 -0.22 26.54
C GLN B 130 -3.58 0.78 25.53
N GLY B 131 -3.65 0.39 24.26
CA GLY B 131 -4.16 1.30 23.26
C GLY B 131 -5.63 1.65 23.46
N GLN B 132 -6.44 0.67 23.84
CA GLN B 132 -7.85 0.91 24.11
C GLN B 132 -8.04 1.86 25.30
N ASN B 133 -7.22 1.70 26.33
CA ASN B 133 -7.28 2.64 27.45
C ASN B 133 -6.91 4.05 27.01
N LEU B 134 -5.85 4.20 26.20
CA LEU B 134 -5.43 5.53 25.79
C LEU B 134 -6.52 6.21 24.97
N ALA B 135 -7.08 5.49 24.00
CA ALA B 135 -8.19 6.06 23.21
C ALA B 135 -9.33 6.49 24.11
N ARG B 136 -9.67 5.69 25.12
CA ARG B 136 -10.82 6.05 25.93
C ARG B 136 -10.59 7.36 26.67
N GLN B 137 -9.39 7.57 27.22
CA GLN B 137 -9.14 8.81 27.94
C GLN B 137 -9.00 10.00 27.01
N TRP B 138 -8.77 9.78 25.71
CA TRP B 138 -8.83 10.86 24.73
C TRP B 138 -10.27 11.05 24.24
N ASN B 139 -11.19 11.31 25.16
CA ASN B 139 -12.57 11.64 24.79
C ASN B 139 -13.19 10.57 23.87
N ASN B 140 -13.04 9.31 24.30
CA ASN B 140 -13.49 8.11 23.57
C ASN B 140 -13.11 8.14 22.09
N CYS B 141 -11.81 8.22 21.88
CA CYS B 141 -11.21 8.31 20.56
C CYS B 141 -11.29 6.96 19.83
N ALA B 142 -11.46 7.04 18.50
CA ALA B 142 -11.40 5.87 17.64
C ALA B 142 -10.06 5.16 17.79
N PHE B 143 -10.08 3.81 17.75
CA PHE B 143 -8.89 2.98 17.99
C PHE B 143 -8.86 1.78 17.05
N LEU B 144 -7.72 1.58 16.39
CA LEU B 144 -7.51 0.43 15.49
C LEU B 144 -6.12 -0.14 15.70
N GLU B 145 -6.01 -1.47 15.61
CA GLU B 145 -4.71 -2.11 15.41
C GLU B 145 -4.61 -2.52 13.94
N SER B 146 -3.50 -2.15 13.31
CA SER B 146 -3.36 -2.28 11.87
C SER B 146 -2.08 -3.04 11.52
N SER B 147 -1.99 -3.40 10.24
CA SER B 147 -0.76 -3.96 9.68
C SER B 147 -0.64 -3.50 8.24
N ALA B 148 0.25 -2.55 7.99
CA ALA B 148 0.60 -2.16 6.63
C ALA B 148 1.17 -3.33 5.84
N LYS B 149 1.90 -4.23 6.50
CA LYS B 149 2.50 -5.35 5.78
C LYS B 149 1.44 -6.36 5.34
N SER B 150 0.41 -6.58 6.15
CA SER B 150 -0.61 -7.57 5.88
C SER B 150 -1.85 -6.96 5.25
N LYS B 151 -1.89 -5.63 5.09
CA LYS B 151 -3.05 -4.90 4.56
C LYS B 151 -4.29 -5.12 5.43
N ILE B 152 -4.11 -5.10 6.75
CA ILE B 152 -5.19 -5.28 7.71
C ILE B 152 -5.48 -3.94 8.34
N ASN B 153 -6.73 -3.48 8.21
CA ASN B 153 -7.16 -2.24 8.84
C ASN B 153 -6.41 -1.02 8.30
N VAL B 154 -6.10 -1.02 7.00
CA VAL B 154 -5.41 0.13 6.42
C VAL B 154 -6.41 1.16 5.92
N ASN B 155 -7.23 0.80 4.93
CA ASN B 155 -8.25 1.73 4.47
C ASN B 155 -9.23 2.08 5.57
N GLU B 156 -9.44 1.19 6.54
CA GLU B 156 -10.39 1.49 7.60
C GLU B 156 -9.96 2.73 8.39
N ILE B 157 -8.66 3.00 8.44
CA ILE B 157 -8.14 4.19 9.15
C ILE B 157 -8.64 5.47 8.48
N PHE B 158 -8.45 5.56 7.17
CA PHE B 158 -8.74 6.80 6.46
C PHE B 158 -10.23 6.98 6.23
N TYR B 159 -10.96 5.89 6.00
CA TYR B 159 -12.40 5.98 5.86
C TYR B 159 -13.06 6.45 7.16
N ASP B 160 -12.50 6.07 8.31
CA ASP B 160 -13.12 6.48 9.57
C ASP B 160 -12.89 7.97 9.82
N LEU B 161 -11.74 8.50 9.43
CA LEU B 161 -11.52 9.94 9.58
C LEU B 161 -12.47 10.73 8.71
N VAL B 162 -12.67 10.28 7.47
CA VAL B 162 -13.64 10.91 6.57
C VAL B 162 -15.00 10.92 7.22
N ARG B 163 -15.39 9.81 7.85
CA ARG B 163 -16.71 9.74 8.49
C ARG B 163 -16.78 10.70 9.67
N GLN B 164 -15.70 10.79 10.46
CA GLN B 164 -15.71 11.74 11.57
C GLN B 164 -15.81 13.18 11.05
N ILE B 165 -15.12 13.47 9.96
CA ILE B 165 -15.23 14.79 9.38
C ILE B 165 -16.64 15.07 8.89
N ASN B 166 -17.28 14.05 8.28
CA ASN B 166 -18.63 14.23 7.78
C ASN B 166 -19.63 14.48 8.90
N ARG B 167 -19.34 14.00 10.11
CA ARG B 167 -20.28 14.14 11.23
C ARG B 167 -19.95 15.35 12.12
N ALA C 6 28.96 17.59 0.57
CA ALA C 6 29.39 18.71 1.39
C ALA C 6 28.20 19.53 1.86
N SER C 7 27.19 19.67 1.00
CA SER C 7 26.01 20.48 1.26
C SER C 7 24.76 19.70 0.85
N ALA C 8 23.61 20.20 1.31
CA ALA C 8 22.30 19.64 0.99
C ALA C 8 21.22 20.64 1.38
N VAL C 9 20.14 20.67 0.61
CA VAL C 9 19.02 21.57 0.88
C VAL C 9 17.73 20.83 0.57
N VAL C 10 16.68 21.24 1.24
CA VAL C 10 15.38 20.58 1.15
C VAL C 10 14.54 21.27 0.08
N VAL C 11 14.05 20.48 -0.87
CA VAL C 11 13.28 20.96 -2.00
C VAL C 11 12.01 20.13 -2.06
N ARG C 12 10.86 20.78 -2.27
CA ARG C 12 9.60 20.04 -2.41
C ARG C 12 9.35 19.80 -3.89
N VAL C 13 9.23 18.53 -4.27
CA VAL C 13 9.08 18.13 -5.66
C VAL C 13 7.69 17.56 -5.84
N GLY C 14 6.91 18.14 -6.74
CA GLY C 14 5.60 17.60 -7.07
C GLY C 14 5.66 16.80 -8.36
N ILE C 15 5.03 15.61 -8.32
CA ILE C 15 4.92 14.77 -9.51
C ILE C 15 3.46 14.73 -9.92
N PRO C 16 3.01 15.64 -10.80
CA PRO C 16 1.59 15.69 -11.17
C PRO C 16 1.01 14.37 -11.66
N ASP C 17 1.77 13.59 -12.42
CA ASP C 17 1.26 12.33 -12.96
C ASP C 17 0.95 11.31 -11.88
N LEU C 18 1.61 11.39 -10.72
CA LEU C 18 1.27 10.57 -9.55
C LEU C 18 0.38 11.31 -8.55
N GLN C 19 0.13 12.60 -8.77
CA GLN C 19 -0.56 13.45 -7.80
C GLN C 19 0.09 13.30 -6.41
N GLN C 20 1.41 13.37 -6.38
CA GLN C 20 2.06 13.34 -5.09
C GLN C 20 3.15 14.40 -5.06
N THR C 21 3.55 14.76 -3.83
CA THR C 21 4.68 15.64 -3.58
C THR C 21 5.58 15.01 -2.53
N LYS C 22 6.88 15.24 -2.67
CA LYS C 22 7.86 14.72 -1.74
C LYS C 22 8.93 15.76 -1.49
N CYS C 23 9.25 15.98 -0.22
CA CYS C 23 10.40 16.79 0.18
C CYS C 23 11.66 15.95 0.17
N LEU C 24 12.65 16.40 -0.60
CA LEU C 24 13.90 15.69 -0.80
C LEU C 24 15.09 16.59 -0.48
N ARG C 25 16.15 15.98 0.03
CA ARG C 25 17.43 16.66 0.19
C ARG C 25 18.20 16.57 -1.12
N LEU C 26 18.47 17.71 -1.74
CA LEU C 26 19.15 17.77 -3.02
C LEU C 26 20.48 18.49 -2.86
N ASP C 27 21.47 18.08 -3.65
CA ASP C 27 22.81 18.64 -3.57
C ASP C 27 22.91 19.83 -4.50
N PRO C 28 22.92 21.07 -4.00
CA PRO C 28 22.92 22.23 -4.92
C PRO C 28 24.15 22.32 -5.80
N ALA C 29 25.26 21.76 -5.35
CA ALA C 29 26.52 21.81 -6.08
C ALA C 29 26.66 20.68 -7.10
N ALA C 30 25.72 19.76 -7.16
CA ALA C 30 25.81 18.71 -8.17
C ALA C 30 24.90 19.05 -9.34
N PRO C 31 25.11 18.43 -10.51
CA PRO C 31 24.30 18.77 -11.69
C PRO C 31 22.82 18.46 -11.49
N VAL C 32 22.00 19.03 -12.38
CA VAL C 32 20.56 18.84 -12.31
C VAL C 32 20.21 17.38 -12.54
N TRP C 33 20.89 16.71 -13.49
CA TRP C 33 20.62 15.29 -13.71
C TRP C 33 20.79 14.47 -12.43
N ALA C 34 21.73 14.84 -11.56
CA ALA C 34 21.88 14.09 -10.31
C ALA C 34 20.76 14.39 -9.33
N ALA C 35 20.24 15.62 -9.33
CA ALA C 35 19.03 15.89 -8.56
C ALA C 35 17.85 15.09 -9.09
N LYS C 36 17.77 14.95 -10.42
CA LYS C 36 16.74 14.10 -10.99
C LYS C 36 16.94 12.64 -10.59
N GLN C 37 18.19 12.21 -10.45
CA GLN C 37 18.46 10.85 -9.98
C GLN C 37 17.91 10.62 -8.58
N ARG C 38 17.97 11.64 -7.71
CA ARG C 38 17.42 11.48 -6.37
C ARG C 38 15.90 11.42 -6.40
N VAL C 39 15.27 12.22 -7.25
CA VAL C 39 13.83 12.15 -7.40
C VAL C 39 13.42 10.75 -7.87
N LEU C 40 14.08 10.24 -8.90
CA LEU C 40 13.76 8.90 -9.39
C LEU C 40 13.88 7.85 -8.29
N CYS C 41 14.96 7.90 -7.50
CA CYS C 41 15.16 6.88 -6.48
C CYS C 41 14.12 6.96 -5.37
N ALA C 42 13.54 8.13 -5.11
CA ALA C 42 12.54 8.24 -4.06
C ALA C 42 11.13 7.82 -4.50
N LEU C 43 10.89 7.63 -5.79
CA LEU C 43 9.61 7.11 -6.30
C LEU C 43 9.54 5.58 -6.32
N ASN C 44 10.59 4.89 -5.86
CA ASN C 44 10.83 3.48 -6.17
C ASN C 44 10.69 3.25 -7.66
N HIS C 45 9.65 2.54 -8.09
CA HIS C 45 9.45 2.32 -9.52
C HIS C 45 8.01 2.56 -9.88
N SER C 46 7.43 3.61 -9.32
CA SER C 46 6.01 3.88 -9.49
C SER C 46 5.70 4.61 -10.79
N LEU C 47 6.69 5.16 -11.47
CA LEU C 47 6.51 6.00 -12.65
C LEU C 47 6.87 5.22 -13.90
N GLN C 48 5.88 4.98 -14.76
CA GLN C 48 6.15 4.38 -16.06
C GLN C 48 6.88 5.38 -16.95
N ASP C 49 7.77 4.87 -17.80
CA ASP C 49 8.51 5.70 -18.76
C ASP C 49 9.31 6.78 -18.04
N ALA C 50 9.90 6.41 -16.90
CA ALA C 50 10.39 7.39 -15.96
C ALA C 50 11.50 8.26 -16.53
N LEU C 51 12.29 7.75 -17.47
CA LEU C 51 13.42 8.58 -17.89
C LEU C 51 13.03 9.68 -18.85
N ASN C 52 11.82 9.66 -19.40
CA ASN C 52 11.33 10.78 -20.18
C ASN C 52 10.74 11.90 -19.32
N TYR C 53 11.06 11.94 -18.03
CA TYR C 53 10.65 13.01 -17.14
C TYR C 53 11.82 13.95 -16.85
N GLY C 54 11.54 15.24 -16.71
CA GLY C 54 12.55 16.21 -16.36
C GLY C 54 12.09 17.16 -15.28
N LEU C 55 13.06 17.65 -14.51
CA LEU C 55 12.79 18.65 -13.49
C LEU C 55 12.38 19.97 -14.14
N PHE C 56 11.30 20.55 -13.62
CA PHE C 56 10.63 21.69 -14.22
C PHE C 56 10.43 22.75 -13.16
N GLN C 57 10.71 24.00 -13.51
CA GLN C 57 10.42 25.12 -12.63
C GLN C 57 9.07 25.67 -13.01
N PRO C 58 8.04 25.53 -12.19
CA PRO C 58 6.71 25.94 -12.60
C PRO C 58 6.62 27.46 -12.69
N PRO C 59 5.65 27.97 -13.42
CA PRO C 59 5.39 29.42 -13.37
C PRO C 59 5.15 29.86 -11.94
N SER C 60 5.64 31.05 -11.61
CA SER C 60 5.32 31.68 -10.35
C SER C 60 5.57 33.18 -10.52
N ARG C 61 5.60 33.90 -9.39
CA ARG C 61 5.59 35.36 -9.41
C ARG C 61 6.78 35.90 -10.21
N GLY C 62 6.47 36.63 -11.27
CA GLY C 62 7.51 37.15 -12.15
C GLY C 62 8.42 36.10 -12.75
N ARG C 63 7.89 34.91 -13.03
CA ARG C 63 8.76 33.81 -13.43
C ARG C 63 7.99 32.83 -14.30
N ALA C 64 8.46 32.63 -15.52
CA ALA C 64 7.80 31.68 -16.40
C ALA C 64 8.29 30.25 -16.16
N GLY C 65 7.46 29.30 -16.58
CA GLY C 65 7.81 27.90 -16.43
C GLY C 65 8.84 27.43 -17.45
N LYS C 66 9.74 26.55 -17.00
CA LYS C 66 10.77 26.07 -17.89
C LYS C 66 11.39 24.82 -17.30
N PHE C 67 11.85 23.95 -18.19
CA PHE C 67 12.60 22.77 -17.79
C PHE C 67 14.03 23.16 -17.44
N LEU C 68 14.52 22.62 -16.33
CA LEU C 68 15.89 22.87 -15.91
C LEU C 68 16.88 22.20 -16.86
N ASP C 69 17.97 22.90 -17.19
CA ASP C 69 19.04 22.34 -18.00
C ASP C 69 19.80 21.29 -17.19
N GLU C 70 19.77 20.04 -17.64
CA GLU C 70 20.29 18.93 -16.83
C GLU C 70 21.81 18.95 -16.69
N GLU C 71 22.52 19.80 -17.45
CA GLU C 71 23.96 19.86 -17.36
C GLU C 71 24.45 21.01 -16.49
N ARG C 72 23.56 21.87 -16.01
CA ARG C 72 23.89 22.96 -15.10
C ARG C 72 23.87 22.46 -13.66
N LEU C 73 24.62 23.13 -12.80
CA LEU C 73 24.52 22.82 -11.38
C LEU C 73 23.18 23.27 -10.83
N LEU C 74 22.66 22.51 -9.86
CA LEU C 74 21.35 22.84 -9.31
C LEU C 74 21.32 24.27 -8.81
N GLN C 75 22.36 24.69 -8.10
CA GLN C 75 22.36 26.00 -7.47
C GLN C 75 22.32 27.15 -8.46
N GLU C 76 22.52 26.90 -9.76
CA GLU C 76 22.44 27.97 -10.74
C GLU C 76 21.01 28.38 -11.07
N TYR C 77 20.03 27.68 -10.53
CA TYR C 77 18.64 28.10 -10.63
C TYR C 77 18.20 28.67 -9.29
N PRO C 78 18.05 29.98 -9.14
CA PRO C 78 17.56 30.54 -7.88
C PRO C 78 16.17 30.02 -7.57
N PRO C 79 15.92 29.65 -6.31
CA PRO C 79 14.62 29.06 -5.96
C PRO C 79 13.49 30.07 -6.10
N ASN C 80 12.27 29.56 -6.21
CA ASN C 80 11.12 30.46 -6.20
C ASN C 80 10.87 30.96 -4.79
N LEU C 81 10.40 32.20 -4.71
CA LEU C 81 10.19 32.85 -3.43
C LEU C 81 8.75 32.71 -2.94
N ASP C 82 7.90 31.99 -3.69
CA ASP C 82 6.52 31.79 -3.30
C ASP C 82 6.41 31.15 -1.92
N THR C 83 6.96 29.96 -1.78
CA THR C 83 6.70 29.05 -0.68
C THR C 83 7.84 29.04 0.33
N PRO C 84 7.57 28.60 1.56
CA PRO C 84 8.64 28.45 2.56
C PRO C 84 9.82 27.60 2.08
N LEU C 85 9.55 26.47 1.41
CA LEU C 85 10.52 25.63 0.78
C LEU C 85 10.52 25.86 -0.73
N PRO C 86 11.68 25.77 -1.37
CA PRO C 86 11.71 25.80 -2.84
C PRO C 86 10.85 24.69 -3.40
N TYR C 87 10.22 24.97 -4.53
CA TYR C 87 9.30 24.04 -5.18
C TYR C 87 9.72 23.81 -6.62
N LEU C 88 9.83 22.53 -7.01
CA LEU C 88 10.04 22.11 -8.38
C LEU C 88 9.03 21.02 -8.72
N GLU C 89 8.84 20.77 -10.01
CA GLU C 89 7.99 19.67 -10.42
C GLU C 89 8.76 18.71 -11.31
N PHE C 90 8.22 17.49 -11.44
CA PHE C 90 8.78 16.42 -12.26
C PHE C 90 7.77 16.08 -13.34
N ARG C 91 8.07 16.48 -14.58
CA ARG C 91 7.08 16.52 -15.64
C ARG C 91 7.55 15.71 -16.83
N TYR C 92 6.59 15.10 -17.53
CA TYR C 92 6.85 14.30 -18.72
C TYR C 92 7.21 15.18 -19.92
N LYS C 93 8.10 14.67 -20.77
CA LYS C 93 8.44 15.35 -22.03
C LYS C 93 8.17 14.49 -23.27
N PRO D 4 5.57 -6.04 -17.72
CA PRO D 4 6.45 -6.19 -16.56
C PRO D 4 5.67 -6.56 -15.31
N GLY D 5 6.23 -6.23 -14.14
CA GLY D 5 5.52 -6.30 -12.88
C GLY D 5 5.31 -7.69 -12.29
N ALA D 6 5.05 -8.68 -13.16
CA ALA D 6 4.66 -10.00 -12.68
C ALA D 6 5.80 -10.70 -11.93
N SER D 7 7.03 -10.60 -12.43
CA SER D 7 8.12 -11.39 -11.89
C SER D 7 9.35 -10.51 -11.62
N ALA D 8 10.35 -11.14 -11.02
CA ALA D 8 11.61 -10.51 -10.68
C ALA D 8 12.69 -11.58 -10.67
N VAL D 9 13.94 -11.18 -10.93
CA VAL D 9 15.03 -12.13 -10.86
C VAL D 9 16.19 -11.49 -10.10
N VAL D 10 16.86 -12.29 -9.26
CA VAL D 10 18.01 -11.82 -8.50
C VAL D 10 19.25 -11.86 -9.38
N VAL D 11 19.96 -10.75 -9.49
CA VAL D 11 21.20 -10.72 -10.26
C VAL D 11 22.27 -10.04 -9.40
N ARG D 12 23.44 -10.65 -9.36
CA ARG D 12 24.59 -10.03 -8.70
C ARG D 12 25.22 -9.03 -9.66
N VAL D 13 25.44 -7.81 -9.21
CA VAL D 13 25.99 -6.76 -10.06
C VAL D 13 27.30 -6.27 -9.47
N GLY D 14 28.39 -6.40 -10.23
CA GLY D 14 29.69 -5.92 -9.81
C GLY D 14 29.95 -4.52 -10.31
N ILE D 15 30.42 -3.66 -9.41
CA ILE D 15 30.82 -2.30 -9.79
C ILE D 15 32.31 -2.17 -9.54
N PRO D 16 33.15 -2.50 -10.53
CA PRO D 16 34.61 -2.53 -10.31
C PRO D 16 35.20 -1.20 -9.85
N ASP D 17 34.64 -0.06 -10.26
CA ASP D 17 35.21 1.21 -9.81
C ASP D 17 34.93 1.47 -8.34
N LEU D 18 33.93 0.82 -7.77
CA LEU D 18 33.70 0.90 -6.34
C LEU D 18 34.21 -0.33 -5.60
N GLN D 19 34.71 -1.33 -6.33
CA GLN D 19 35.08 -2.62 -5.77
C GLN D 19 33.96 -3.17 -4.89
N GLN D 20 32.74 -3.06 -5.41
CA GLN D 20 31.54 -3.56 -4.75
C GLN D 20 30.84 -4.56 -5.66
N THR D 21 30.10 -5.47 -5.06
CA THR D 21 29.06 -6.20 -5.77
C THR D 21 27.78 -6.12 -4.95
N LYS D 22 26.64 -6.13 -5.63
CA LYS D 22 25.34 -6.14 -4.96
C LYS D 22 24.41 -7.10 -5.69
N CYS D 23 23.64 -7.85 -4.92
CA CYS D 23 22.60 -8.72 -5.46
C CYS D 23 21.29 -7.96 -5.43
N LEU D 24 20.65 -7.80 -6.60
CA LEU D 24 19.44 -7.00 -6.75
C LEU D 24 18.37 -7.80 -7.47
N ARG D 25 17.11 -7.48 -7.18
CA ARG D 25 15.98 -7.96 -7.94
C ARG D 25 15.77 -7.02 -9.12
N LEU D 26 15.83 -7.57 -10.33
CA LEU D 26 15.62 -6.83 -11.57
C LEU D 26 14.39 -7.38 -12.30
N ASP D 27 13.73 -6.51 -13.07
CA ASP D 27 12.51 -6.88 -13.80
C ASP D 27 12.88 -7.40 -15.18
N PRO D 28 12.75 -8.70 -15.45
CA PRO D 28 13.10 -9.24 -16.78
C PRO D 28 12.30 -8.63 -17.93
N ALA D 29 11.02 -8.27 -17.71
CA ALA D 29 10.19 -7.70 -18.76
C ALA D 29 10.32 -6.18 -18.86
N ALA D 30 11.20 -5.56 -18.08
CA ALA D 30 11.42 -4.13 -18.19
C ALA D 30 12.62 -3.86 -19.08
N PRO D 31 12.75 -2.66 -19.64
CA PRO D 31 13.94 -2.35 -20.43
C PRO D 31 15.21 -2.39 -19.58
N VAL D 32 16.33 -2.63 -20.25
CA VAL D 32 17.62 -2.58 -19.59
C VAL D 32 17.81 -1.24 -18.85
N TRP D 33 17.30 -0.14 -19.41
CA TRP D 33 17.51 1.16 -18.74
C TRP D 33 16.81 1.22 -17.39
N ALA D 34 15.73 0.46 -17.20
CA ALA D 34 15.11 0.43 -15.88
C ALA D 34 15.85 -0.47 -14.91
N ALA D 35 16.59 -1.45 -15.42
CA ALA D 35 17.47 -2.24 -14.57
C ALA D 35 18.65 -1.40 -14.10
N LYS D 36 19.19 -0.57 -14.99
CA LYS D 36 20.23 0.36 -14.60
C LYS D 36 19.71 1.37 -13.59
N GLN D 37 18.44 1.75 -13.71
CA GLN D 37 17.87 2.65 -12.72
C GLN D 37 17.87 2.01 -11.34
N ARG D 38 17.59 0.71 -11.27
CA ARG D 38 17.61 0.02 -9.97
C ARG D 38 19.02 -0.06 -9.40
N VAL D 39 20.02 -0.23 -10.28
CA VAL D 39 21.40 -0.28 -9.81
C VAL D 39 21.82 1.08 -9.27
N LEU D 40 21.40 2.15 -9.94
CA LEU D 40 21.78 3.49 -9.49
C LEU D 40 21.20 3.80 -8.12
N CYS D 41 19.95 3.39 -7.88
CA CYS D 41 19.32 3.66 -6.59
C CYS D 41 19.87 2.78 -5.48
N ALA D 42 20.59 1.71 -5.80
CA ALA D 42 21.24 0.90 -4.79
C ALA D 42 22.62 1.41 -4.40
N LEU D 43 23.24 2.27 -5.20
CA LEU D 43 24.59 2.75 -4.92
C LEU D 43 24.63 3.91 -3.94
N ASN D 44 23.49 4.49 -3.58
CA ASN D 44 23.42 5.58 -2.61
C ASN D 44 24.33 6.75 -3.02
N HIS D 45 24.20 7.14 -4.29
CA HIS D 45 24.93 8.24 -4.92
C HIS D 45 26.41 8.28 -4.53
N SER D 46 27.08 7.14 -4.71
CA SER D 46 28.51 7.03 -4.42
C SER D 46 29.37 7.13 -5.68
N LEU D 47 28.78 7.42 -6.83
CA LEU D 47 29.45 7.34 -8.12
C LEU D 47 29.45 8.71 -8.79
N GLN D 48 30.60 9.10 -9.32
CA GLN D 48 30.69 10.32 -10.10
C GLN D 48 30.39 10.02 -11.56
N ASP D 49 29.70 10.94 -12.22
CA ASP D 49 29.21 10.75 -13.59
C ASP D 49 28.49 9.40 -13.73
N ALA D 50 27.73 9.04 -12.70
CA ALA D 50 27.07 7.74 -12.69
C ALA D 50 26.24 7.52 -13.93
N LEU D 51 25.62 8.57 -14.47
CA LEU D 51 24.80 8.40 -15.67
C LEU D 51 25.61 7.97 -16.88
N ASN D 52 26.95 8.07 -16.82
CA ASN D 52 27.79 7.55 -17.88
C ASN D 52 28.08 6.06 -17.74
N TYR D 53 27.65 5.43 -16.65
CA TYR D 53 27.87 4.01 -16.46
C TYR D 53 26.78 3.19 -17.14
N GLY D 54 27.16 2.02 -17.63
CA GLY D 54 26.21 1.13 -18.27
C GLY D 54 26.36 -0.28 -17.75
N LEU D 55 25.26 -1.03 -17.81
CA LEU D 55 25.29 -2.46 -17.52
C LEU D 55 26.07 -3.21 -18.61
N PHE D 56 26.86 -4.20 -18.19
CA PHE D 56 27.91 -4.79 -19.01
C PHE D 56 27.94 -6.29 -18.78
N GLN D 57 27.93 -7.07 -19.87
CA GLN D 57 28.00 -8.52 -19.74
C GLN D 57 29.44 -9.00 -19.81
N PRO D 58 29.97 -9.62 -18.76
CA PRO D 58 31.36 -10.11 -18.81
C PRO D 58 31.50 -11.21 -19.84
N PRO D 59 32.73 -11.46 -20.30
CA PRO D 59 32.96 -12.61 -21.22
C PRO D 59 32.64 -13.94 -20.55
N SER D 60 32.09 -14.85 -21.33
CA SER D 60 31.64 -16.14 -20.81
C SER D 60 32.43 -17.31 -21.42
N ARG D 63 35.83 -15.93 -25.47
CA ARG D 63 34.64 -15.08 -25.36
C ARG D 63 35.02 -13.59 -25.26
N ALA D 64 34.02 -12.72 -25.09
CA ALA D 64 34.22 -11.28 -25.04
C ALA D 64 32.97 -10.58 -24.52
N GLY D 65 33.18 -9.51 -23.75
CA GLY D 65 32.10 -8.77 -23.12
C GLY D 65 31.42 -7.80 -24.07
N LYS D 66 30.55 -6.98 -23.49
CA LYS D 66 29.75 -6.00 -24.22
C LYS D 66 28.77 -5.27 -23.30
N PHE D 67 28.44 -4.03 -23.66
CA PHE D 67 27.41 -3.30 -22.96
C PHE D 67 26.05 -3.77 -23.44
N LEU D 68 25.07 -3.75 -22.54
CA LEU D 68 23.71 -4.13 -22.91
C LEU D 68 23.00 -2.95 -23.58
N ASP D 69 22.28 -3.24 -24.66
CA ASP D 69 21.44 -2.24 -25.30
C ASP D 69 20.35 -1.81 -24.32
N GLU D 70 20.30 -0.51 -24.00
CA GLU D 70 19.37 -0.04 -22.96
C GLU D 70 17.92 -0.05 -23.42
N GLU D 71 17.66 -0.12 -24.73
CA GLU D 71 16.29 -0.19 -25.19
C GLU D 71 15.73 -1.61 -25.17
N ARG D 72 16.58 -2.62 -25.00
CA ARG D 72 16.13 -4.00 -24.97
C ARG D 72 15.57 -4.35 -23.60
N LEU D 73 14.59 -5.25 -23.62
CA LEU D 73 14.12 -5.85 -22.39
C LEU D 73 15.26 -6.67 -21.78
N LEU D 74 15.40 -6.60 -20.45
CA LEU D 74 16.45 -7.36 -19.79
C LEU D 74 16.41 -8.84 -20.17
N GLN D 75 15.21 -9.39 -20.40
CA GLN D 75 15.13 -10.81 -20.70
C GLN D 75 15.68 -11.15 -22.08
N GLU D 76 15.94 -10.16 -22.94
CA GLU D 76 16.57 -10.46 -24.21
C GLU D 76 18.02 -10.92 -24.05
N TYR D 77 18.62 -10.73 -22.89
CA TYR D 77 19.98 -11.20 -22.65
C TYR D 77 19.94 -12.43 -21.75
N PRO D 78 20.02 -13.64 -22.28
CA PRO D 78 19.93 -14.85 -21.45
C PRO D 78 21.00 -14.86 -20.39
N PRO D 79 20.80 -15.59 -19.29
CA PRO D 79 21.79 -15.60 -18.20
C PRO D 79 22.94 -16.55 -18.47
N ASN D 80 24.11 -16.18 -17.93
CA ASN D 80 25.24 -17.10 -17.85
C ASN D 80 24.93 -18.20 -16.83
N LEU D 81 25.10 -19.45 -17.23
CA LEU D 81 24.67 -20.55 -16.37
C LEU D 81 25.81 -21.17 -15.56
N ASP D 82 27.03 -20.65 -15.67
CA ASP D 82 28.08 -20.99 -14.72
C ASP D 82 27.62 -20.69 -13.31
N THR D 83 27.36 -19.41 -13.05
CA THR D 83 27.11 -18.90 -11.71
C THR D 83 25.76 -19.38 -11.17
N PRO D 84 25.62 -19.50 -9.86
CA PRO D 84 24.29 -19.79 -9.30
C PRO D 84 23.34 -18.64 -9.52
N LEU D 85 23.83 -17.41 -9.40
CA LEU D 85 23.11 -16.20 -9.71
C LEU D 85 23.66 -15.60 -11.00
N PRO D 86 22.80 -15.14 -11.89
CA PRO D 86 23.31 -14.36 -13.03
C PRO D 86 24.21 -13.23 -12.54
N TYR D 87 25.19 -12.89 -13.37
CA TYR D 87 26.17 -11.89 -13.01
C TYR D 87 26.27 -10.84 -14.12
N LEU D 88 26.21 -9.57 -13.74
CA LEU D 88 26.41 -8.44 -14.64
C LEU D 88 27.43 -7.50 -14.03
N GLU D 89 27.96 -6.59 -14.84
CA GLU D 89 28.83 -5.55 -14.34
C GLU D 89 28.31 -4.17 -14.74
N PHE D 90 28.63 -3.17 -13.93
CA PHE D 90 28.27 -1.77 -14.13
C PHE D 90 29.59 -1.01 -14.34
N ARG D 91 29.87 -0.61 -15.57
CA ARG D 91 31.15 -0.02 -15.92
C ARG D 91 30.97 1.26 -16.71
N TYR D 92 32.01 2.09 -16.68
CA TYR D 92 31.97 3.40 -17.31
C TYR D 92 31.87 3.27 -18.82
N LYS D 93 30.95 4.01 -19.43
CA LYS D 93 30.63 3.86 -20.85
C LYS D 93 30.95 5.08 -21.70
N ARG D 94 30.83 6.30 -21.15
CA ARG D 94 31.19 7.55 -21.84
C ARG D 94 30.42 7.76 -23.14
PG GTP E . -25.15 -12.26 -5.24
O1G GTP E . -25.11 -11.23 -6.33
O2G GTP E . -24.02 -13.27 -5.47
O3G GTP E . -26.53 -12.94 -5.36
O3B GTP E . -24.92 -11.39 -3.87
PB GTP E . -25.88 -11.61 -2.59
O1B GTP E . -27.20 -12.27 -2.94
O2B GTP E . -25.20 -12.49 -1.55
O3A GTP E . -26.16 -10.15 -1.98
PA GTP E . -25.85 -8.73 -2.64
O1A GTP E . -26.46 -8.59 -4.01
O2A GTP E . -24.38 -8.37 -2.63
O5' GTP E . -26.58 -7.75 -1.58
C5' GTP E . -27.93 -7.87 -1.19
C4' GTP E . -28.36 -6.51 -0.67
O4' GTP E . -27.76 -6.29 0.61
C3' GTP E . -27.85 -5.40 -1.59
O3' GTP E . -28.83 -4.41 -1.69
C2' GTP E . -26.68 -4.79 -0.84
O2' GTP E . -26.54 -3.40 -1.07
C1' GTP E . -27.04 -5.06 0.61
N9 GTP E . -25.76 -5.17 1.31
C8 GTP E . -24.69 -5.93 0.92
N7 GTP E . -23.71 -5.72 1.81
C5 GTP E . -24.13 -4.85 2.77
C6 GTP E . -23.55 -4.29 3.90
O6 GTP E . -22.39 -4.58 4.22
N1 GTP E . -24.26 -3.39 4.68
C2 GTP E . -25.55 -3.05 4.36
N2 GTP E . -26.22 -2.18 5.13
N3 GTP E . -26.13 -3.60 3.22
C4 GTP E . -25.44 -4.48 2.45
CA CA F . -9.44 -3.27 4.83
MG MG G . -26.66 -10.03 -5.92
PG GTP H . 7.81 7.87 7.45
O1G GTP H . 8.99 8.36 8.33
O2G GTP H . 6.75 8.97 7.27
O3G GTP H . 8.38 7.62 6.09
O3B GTP H . 7.16 6.46 7.98
PB GTP H . 7.67 5.75 9.33
O1B GTP H . 6.58 5.89 10.36
O2B GTP H . 8.99 6.23 9.86
O3A GTP H . 7.82 4.16 9.11
PA GTP H . 7.95 3.44 7.70
O1A GTP H . 6.59 3.40 7.03
O2A GTP H . 9.01 3.99 6.82
O5' GTP H . 8.38 1.93 8.07
C5' GTP H . 9.23 1.61 9.17
C4' GTP H . 9.76 0.20 8.91
O4' GTP H . 8.82 -0.68 9.47
C3' GTP H . 9.82 -0.11 7.42
O3' GTP H . 10.92 -0.96 7.16
C2' GTP H . 8.54 -0.90 7.16
O2' GTP H . 8.68 -1.86 6.15
C1' GTP H . 8.30 -1.56 8.50
N9 GTP H . 6.87 -1.67 8.67
C8 GTP H . 5.95 -0.69 8.44
N7 GTP H . 4.73 -1.20 8.72
C5 GTP H . 4.85 -2.50 9.11
C6 GTP H . 3.93 -3.48 9.51
O6 GTP H . 2.71 -3.27 9.55
N1 GTP H . 4.40 -4.72 9.86
C2 GTP H . 5.75 -5.00 9.83
N2 GTP H . 6.16 -6.20 10.17
N3 GTP H . 6.66 -4.04 9.44
C4 GTP H . 6.22 -2.81 9.09
MG MG I . 9.52 6.25 5.98
#